data_4CK1
#
_entry.id   4CK1
#
_cell.length_a   70.586
_cell.length_b   70.586
_cell.length_c   66.673
_cell.angle_alpha   90.00
_cell.angle_beta   90.00
_cell.angle_gamma   120.00
#
_symmetry.space_group_name_H-M   'P 31'
#
loop_
_entity.id
_entity.type
_entity.pdbx_description
1 polymer INTEGRASE
2 non-polymer 'SULFATE ION'
3 non-polymer 1,2-ETHANEDIOL
4 non-polymer 'CHLORIDE ION'
5 non-polymer (4-CARBOXY-1,3-BENZODIOXOL-5-YL)METHYL-[[2-[(4-METHOXYPHENYL)METHYLCARBAMOYL]PHENYL]METHYL]AZANIUM
6 non-polymer 'ACETATE ION'
7 water water
#
_entity_poly.entity_id   1
_entity_poly.type   'polypeptide(L)'
_entity_poly.pdbx_seq_one_letter_code
;MGSSHHHHHHSSGLVPRGSHMHGQVDSSPGIWQLDCTHLEGKVILVAVHVASGYIEAEVIPAETGQETAYFLLKLAGRWP
VKTVHTDNGSNFTSTTVKAACWWAGIKQEDGIPYNPQSQGVIESMNKELKKIIGQVRDQAEHLKTAVQMAVFIHNHKRKG
GIGGYSAGERIVDIIATDIQTKE
;
_entity_poly.pdbx_strand_id   A,B
#
loop_
_chem_comp.id
_chem_comp.type
_chem_comp.name
_chem_comp.formula
ACT non-polymer 'ACETATE ION' 'C2 H3 O2 -1'
CL non-polymer 'CHLORIDE ION' 'Cl -1'
EDO non-polymer 1,2-ETHANEDIOL 'C2 H6 O2'
OM1 non-polymer (4-CARBOXY-1,3-BENZODIOXOL-5-YL)METHYL-[[2-[(4-METHOXYPHENYL)METHYLCARBAMOYL]PHENYL]METHYL]AZANIUM 'C25 H25 N2 O6 1'
SO4 non-polymer 'SULFATE ION' 'O4 S -2'
#
# COMPACT_ATOMS: atom_id res chain seq x y z
N SER A 28 7.70 14.51 12.67
CA SER A 28 6.26 14.12 12.63
C SER A 28 5.73 13.60 11.26
N PRO A 29 6.16 14.19 10.13
CA PRO A 29 5.70 13.62 8.84
C PRO A 29 6.06 12.14 8.60
N GLY A 30 7.14 11.67 9.22
CA GLY A 30 7.60 10.28 9.03
C GLY A 30 7.23 9.32 10.14
N ILE A 31 6.38 9.73 11.08
CA ILE A 31 6.09 8.91 12.28
C ILE A 31 4.82 8.08 12.11
N TRP A 32 4.98 6.77 12.29
CA TRP A 32 3.89 5.81 12.23
C TRP A 32 3.79 5.02 13.53
N GLN A 33 2.59 4.53 13.82
CA GLN A 33 2.31 3.72 15.01
CA GLN A 33 2.32 3.72 15.01
C GLN A 33 1.65 2.41 14.59
N LEU A 34 2.21 1.30 15.06
CA LEU A 34 1.61 -0.02 14.82
C LEU A 34 0.53 -0.28 15.83
N ASP A 35 -0.45 -1.08 15.41
CA ASP A 35 -1.62 -1.38 16.22
C ASP A 35 -2.13 -2.74 15.77
N CYS A 36 -2.45 -3.59 16.74
CA CYS A 36 -2.90 -4.95 16.46
C CYS A 36 -4.24 -5.13 17.15
N THR A 37 -5.25 -5.55 16.39
CA THR A 37 -6.57 -5.82 16.96
C THR A 37 -7.11 -7.15 16.43
N HIS A 38 -8.11 -7.71 17.10
CA HIS A 38 -8.58 -9.05 16.78
C HIS A 38 -10.04 -9.06 16.34
N LEU A 39 -10.35 -9.93 15.39
CA LEU A 39 -11.71 -10.11 14.91
C LEU A 39 -11.83 -11.46 14.20
N GLU A 40 -12.92 -12.18 14.48
CA GLU A 40 -13.21 -13.47 13.84
C GLU A 40 -12.09 -14.51 13.99
N GLY A 41 -11.41 -14.49 15.14
CA GLY A 41 -10.32 -15.42 15.40
C GLY A 41 -9.06 -15.12 14.60
N LYS A 42 -9.00 -13.94 13.99
CA LYS A 42 -7.87 -13.50 13.20
C LYS A 42 -7.33 -12.19 13.72
N VAL A 43 -6.18 -11.80 13.21
CA VAL A 43 -5.48 -10.60 13.66
C VAL A 43 -5.52 -9.57 12.54
N ILE A 44 -5.86 -8.34 12.90
CA ILE A 44 -5.77 -7.20 11.99
C ILE A 44 -4.60 -6.35 12.43
N LEU A 45 -3.58 -6.26 11.60
CA LEU A 45 -2.43 -5.42 11.86
C LEU A 45 -2.62 -4.10 11.15
N VAL A 46 -2.48 -3.00 11.90
CA VAL A 46 -2.70 -1.65 11.39
C VAL A 46 -1.46 -0.79 11.60
N ALA A 47 -1.13 0.02 10.60
CA ALA A 47 -0.16 1.10 10.76
C ALA A 47 -0.90 2.41 10.62
N VAL A 48 -0.74 3.29 11.60
CA VAL A 48 -1.36 4.60 11.58
C VAL A 48 -0.33 5.69 11.41
N HIS A 49 -0.52 6.56 10.42
CA HIS A 49 0.27 7.75 10.29
C HIS A 49 -0.24 8.78 11.30
N VAL A 50 0.55 9.00 12.35
CA VAL A 50 0.10 9.69 13.57
C VAL A 50 -0.48 11.09 13.29
N ALA A 51 0.23 11.86 12.48
CA ALA A 51 -0.17 13.25 12.21
C ALA A 51 -1.47 13.40 11.41
N SER A 52 -1.78 12.41 10.57
CA SER A 52 -2.96 12.49 9.68
C SER A 52 -4.11 11.57 10.05
N GLY A 53 -3.82 10.46 10.72
CA GLY A 53 -4.82 9.42 10.98
C GLY A 53 -5.01 8.45 9.81
N TYR A 54 -4.21 8.59 8.76
CA TYR A 54 -4.26 7.69 7.61
C TYR A 54 -3.77 6.30 8.06
N ILE A 55 -4.39 5.25 7.53
CA ILE A 55 -3.99 3.89 7.90
C ILE A 55 -3.74 2.97 6.70
N GLU A 56 -2.91 1.96 6.95
CA GLU A 56 -2.85 0.77 6.13
C GLU A 56 -3.11 -0.41 7.09
N ALA A 57 -3.67 -1.48 6.56
CA ALA A 57 -3.97 -2.64 7.38
C ALA A 57 -3.96 -3.93 6.58
N GLU A 58 -3.72 -5.03 7.30
CA GLU A 58 -3.77 -6.37 6.70
CA GLU A 58 -3.75 -6.36 6.70
C GLU A 58 -4.32 -7.35 7.71
N VAL A 59 -4.93 -8.41 7.20
CA VAL A 59 -5.35 -9.53 8.03
C VAL A 59 -4.26 -10.60 7.97
N ILE A 60 -3.89 -11.10 9.15
CA ILE A 60 -2.95 -12.23 9.29
C ILE A 60 -3.50 -13.26 10.29
N PRO A 61 -3.05 -14.53 10.21
CA PRO A 61 -3.59 -15.55 11.11
C PRO A 61 -3.22 -15.29 12.57
N ALA A 62 -2.00 -14.80 12.76
CA ALA A 62 -1.50 -14.45 14.09
C ALA A 62 -0.39 -13.43 13.95
N GLU A 63 -0.18 -12.63 14.99
CA GLU A 63 0.89 -11.65 14.95
C GLU A 63 2.21 -12.35 15.26
N THR A 64 3.10 -12.35 14.28
CA THR A 64 4.45 -12.86 14.44
C THR A 64 5.41 -11.76 14.03
N GLY A 65 6.65 -11.87 14.47
CA GLY A 65 7.71 -10.96 14.02
C GLY A 65 7.86 -11.01 12.50
N GLN A 66 7.77 -12.21 11.93
CA GLN A 66 7.86 -12.41 10.48
C GLN A 66 6.80 -11.59 9.74
N GLU A 67 5.55 -11.75 10.16
CA GLU A 67 4.43 -11.02 9.54
C GLU A 67 4.56 -9.52 9.76
N THR A 68 4.95 -9.12 10.97
CA THR A 68 5.11 -7.70 11.27
C THR A 68 6.22 -7.09 10.41
N ALA A 69 7.33 -7.82 10.30
CA ALA A 69 8.47 -7.39 9.49
C ALA A 69 8.09 -7.17 8.03
N TYR A 70 7.36 -8.13 7.47
CA TYR A 70 6.91 -8.05 6.08
C TYR A 70 5.97 -6.85 5.87
N PHE A 71 5.05 -6.65 6.81
CA PHE A 71 4.11 -5.53 6.77
C PHE A 71 4.85 -4.19 6.75
N LEU A 72 5.87 -4.05 7.60
CA LEU A 72 6.66 -2.82 7.66
C LEU A 72 7.45 -2.58 6.38
N LEU A 73 8.01 -3.65 5.81
CA LEU A 73 8.72 -3.56 4.53
C LEU A 73 7.78 -3.03 3.44
N LYS A 74 6.56 -3.54 3.40
CA LYS A 74 5.57 -3.06 2.45
CA LYS A 74 5.56 -3.06 2.44
C LYS A 74 5.25 -1.58 2.68
N LEU A 75 4.98 -1.23 3.93
CA LEU A 75 4.63 0.14 4.27
C LEU A 75 5.70 1.14 3.85
N ALA A 76 6.95 0.83 4.17
CA ALA A 76 8.06 1.74 3.94
C ALA A 76 8.42 1.89 2.47
N GLY A 77 8.03 0.92 1.66
CA GLY A 77 8.20 1.04 0.21
C GLY A 77 7.17 1.98 -0.42
N ARG A 78 6.09 2.24 0.32
CA ARG A 78 4.95 3.00 -0.20
C ARG A 78 4.88 4.42 0.35
N TRP A 79 5.34 4.62 1.59
CA TRP A 79 5.38 5.93 2.25
C TRP A 79 6.75 6.14 2.91
N PRO A 80 7.15 7.41 3.11
CA PRO A 80 8.46 7.69 3.72
C PRO A 80 8.43 7.51 5.24
N VAL A 81 8.60 6.26 5.65
CA VAL A 81 8.50 5.86 7.05
C VAL A 81 9.84 6.09 7.73
N LYS A 82 9.89 7.09 8.59
CA LYS A 82 11.10 7.44 9.33
C LYS A 82 11.18 6.70 10.66
N THR A 83 10.04 6.64 11.35
CA THR A 83 9.98 6.08 12.70
C THR A 83 8.71 5.26 12.84
N VAL A 84 8.85 4.07 13.42
CA VAL A 84 7.70 3.23 13.76
CA VAL A 84 7.71 3.24 13.77
C VAL A 84 7.70 2.98 15.26
N HIS A 85 6.60 3.36 15.91
CA HIS A 85 6.35 2.97 17.30
C HIS A 85 5.68 1.60 17.25
N THR A 86 6.38 0.58 17.74
CA THR A 86 5.86 -0.77 17.71
C THR A 86 4.68 -0.91 18.65
N ASP A 87 3.83 -1.90 18.37
CA ASP A 87 2.57 -2.07 19.08
C ASP A 87 2.72 -2.80 20.41
N ASN A 88 3.81 -3.54 20.56
CA ASN A 88 4.06 -4.28 21.80
C ASN A 88 5.54 -4.62 21.94
N GLY A 89 5.91 -5.19 23.09
CA GLY A 89 7.30 -5.49 23.38
C GLY A 89 7.86 -6.64 22.57
N SER A 90 7.00 -7.57 22.17
CA SER A 90 7.44 -8.70 21.36
C SER A 90 7.94 -8.22 19.99
N ASN A 91 7.16 -7.35 19.34
CA ASN A 91 7.60 -6.75 18.08
C ASN A 91 8.77 -5.77 18.23
N PHE A 92 8.88 -5.12 19.39
CA PHE A 92 10.05 -4.30 19.66
C PHE A 92 11.31 -5.18 19.77
N THR A 93 11.17 -6.31 20.45
CA THR A 93 12.28 -7.23 20.67
C THR A 93 12.68 -8.03 19.42
N SER A 94 11.68 -8.41 18.63
CA SER A 94 11.87 -9.32 17.51
C SER A 94 13.07 -8.95 16.63
N THR A 95 14.00 -9.87 16.47
CA THR A 95 15.17 -9.63 15.61
CA THR A 95 15.16 -9.62 15.62
C THR A 95 14.74 -9.46 14.15
N THR A 96 13.72 -10.19 13.75
CA THR A 96 13.19 -10.10 12.38
C THR A 96 12.59 -8.71 12.12
N VAL A 97 11.82 -8.20 13.07
CA VAL A 97 11.30 -6.84 12.96
C VAL A 97 12.45 -5.82 12.95
N LYS A 98 13.42 -5.99 13.85
CA LYS A 98 14.61 -5.12 13.85
C LYS A 98 15.33 -5.14 12.50
N ALA A 99 15.46 -6.33 11.92
CA ALA A 99 16.14 -6.49 10.63
C ALA A 99 15.37 -5.81 9.50
N ALA A 100 14.04 -5.90 9.52
CA ALA A 100 13.22 -5.21 8.52
C ALA A 100 13.38 -3.71 8.66
N CYS A 101 13.38 -3.22 9.89
CA CYS A 101 13.55 -1.79 10.14
C CYS A 101 14.93 -1.34 9.68
N TRP A 102 15.94 -2.16 9.95
CA TRP A 102 17.26 -1.87 9.42
C TRP A 102 17.21 -1.81 7.89
N TRP A 103 16.61 -2.82 7.26
CA TRP A 103 16.61 -2.90 5.81
C TRP A 103 15.96 -1.65 5.21
N ALA A 104 14.80 -1.29 5.74
CA ALA A 104 13.98 -0.21 5.18
C ALA A 104 14.33 1.19 5.69
N GLY A 105 15.39 1.31 6.49
CA GLY A 105 15.79 2.61 7.02
C GLY A 105 14.81 3.21 8.01
N ILE A 106 14.17 2.36 8.81
CA ILE A 106 13.19 2.78 9.80
C ILE A 106 13.80 2.77 11.20
N LYS A 107 13.58 3.86 11.93
CA LYS A 107 13.93 3.89 13.34
CA LYS A 107 13.90 3.90 13.36
C LYS A 107 12.84 3.16 14.14
N GLN A 108 13.21 2.03 14.72
CA GLN A 108 12.26 1.25 15.49
C GLN A 108 12.24 1.77 16.92
N GLU A 109 11.05 2.15 17.39
CA GLU A 109 10.89 2.69 18.73
C GLU A 109 9.81 1.91 19.49
N ASP A 110 9.77 2.14 20.80
CA ASP A 110 8.72 1.55 21.63
C ASP A 110 7.41 2.31 21.39
N GLY A 111 6.34 1.87 22.04
CA GLY A 111 5.02 2.46 21.83
C GLY A 111 4.44 2.96 23.13
N ILE A 112 5.32 3.31 24.06
CA ILE A 112 4.91 3.71 25.40
C ILE A 112 4.14 5.03 25.29
N PRO A 113 2.89 5.04 25.78
CA PRO A 113 2.07 6.24 25.65
C PRO A 113 2.43 7.28 26.71
N TYR A 114 3.61 7.89 26.56
CA TYR A 114 4.04 8.99 27.42
C TYR A 114 2.98 10.08 27.39
N ASN A 115 2.32 10.21 26.24
CA ASN A 115 1.09 10.98 26.14
C ASN A 115 -0.10 10.04 26.27
N PRO A 116 -0.86 10.15 27.37
CA PRO A 116 -1.95 9.19 27.62
C PRO A 116 -3.05 9.22 26.55
N GLN A 117 -3.18 10.34 25.84
CA GLN A 117 -4.16 10.46 24.76
C GLN A 117 -3.95 9.47 23.62
N SER A 118 -2.72 9.01 23.43
CA SER A 118 -2.39 8.03 22.39
C SER A 118 -3.21 6.76 22.54
N GLN A 119 -3.24 6.23 23.75
CA GLN A 119 -4.06 5.06 24.10
C GLN A 119 -5.48 5.16 23.57
N GLY A 120 -6.16 6.23 23.97
CA GLY A 120 -7.57 6.43 23.64
C GLY A 120 -7.82 6.60 22.16
N VAL A 121 -6.90 7.29 21.49
CA VAL A 121 -7.00 7.49 20.04
C VAL A 121 -6.95 6.16 19.30
N ILE A 122 -5.98 5.31 19.66
CA ILE A 122 -5.84 3.98 19.05
CA ILE A 122 -5.84 3.98 19.05
C ILE A 122 -7.06 3.12 19.36
N GLU A 123 -7.51 3.15 20.62
CA GLU A 123 -8.68 2.37 21.01
C GLU A 123 -9.93 2.82 20.27
N SER A 124 -10.15 4.12 20.19
CA SER A 124 -11.26 4.66 19.40
C SER A 124 -11.14 4.30 17.92
N MET A 125 -9.91 4.25 17.40
CA MET A 125 -9.71 3.87 16.01
C MET A 125 -10.09 2.40 15.79
N ASN A 126 -9.68 1.53 16.70
CA ASN A 126 -10.04 0.12 16.59
C ASN A 126 -11.54 -0.10 16.62
N LYS A 127 -12.23 0.63 17.50
CA LYS A 127 -13.69 0.56 17.57
C LYS A 127 -14.34 1.06 16.28
N GLU A 128 -13.85 2.19 15.76
CA GLU A 128 -14.31 2.73 14.48
C GLU A 128 -14.09 1.73 13.34
N LEU A 129 -12.91 1.15 13.28
CA LEU A 129 -12.59 0.17 12.22
CA LEU A 129 -12.59 0.17 12.22
C LEU A 129 -13.52 -1.04 12.31
N LYS A 130 -13.71 -1.57 13.51
CA LYS A 130 -14.60 -2.71 13.69
C LYS A 130 -16.04 -2.39 13.33
N LYS A 131 -16.46 -1.16 13.62
CA LYS A 131 -17.79 -0.70 13.24
C LYS A 131 -17.94 -0.72 11.72
N ILE A 132 -16.95 -0.16 11.01
CA ILE A 132 -17.00 -0.11 9.55
C ILE A 132 -17.00 -1.53 8.98
N ILE A 133 -16.15 -2.40 9.52
CA ILE A 133 -16.09 -3.78 9.08
C ILE A 133 -17.46 -4.44 9.20
N GLY A 134 -18.15 -4.20 10.32
CA GLY A 134 -19.51 -4.68 10.51
C GLY A 134 -20.46 -4.16 9.45
N GLN A 135 -20.32 -2.90 9.11
CA GLN A 135 -21.18 -2.26 8.09
C GLN A 135 -20.97 -2.83 6.69
N VAL A 136 -19.78 -3.37 6.42
CA VAL A 136 -19.49 -3.94 5.09
C VAL A 136 -19.42 -5.46 5.06
N ARG A 137 -19.54 -6.09 6.23
CA ARG A 137 -19.17 -7.50 6.34
C ARG A 137 -19.89 -8.43 5.37
N ASP A 138 -21.16 -8.16 5.10
CA ASP A 138 -21.93 -9.00 4.17
C ASP A 138 -21.63 -8.71 2.69
N GLN A 139 -20.75 -7.75 2.42
CA GLN A 139 -20.34 -7.44 1.03
C GLN A 139 -19.11 -8.23 0.59
N ALA A 140 -18.66 -9.15 1.42
CA ALA A 140 -17.55 -10.02 1.05
C ALA A 140 -17.58 -11.30 1.88
N GLU A 141 -17.08 -12.38 1.30
CA GLU A 141 -16.92 -13.64 2.02
C GLU A 141 -15.77 -13.50 3.03
N HIS A 142 -14.63 -13.01 2.57
CA HIS A 142 -13.40 -13.04 3.38
C HIS A 142 -13.18 -11.77 4.20
N LEU A 143 -12.73 -11.95 5.44
CA LEU A 143 -12.46 -10.82 6.32
C LEU A 143 -11.47 -9.82 5.71
N LYS A 144 -10.43 -10.32 5.04
CA LYS A 144 -9.42 -9.42 4.46
C LYS A 144 -10.03 -8.39 3.51
N THR A 145 -11.03 -8.82 2.75
CA THR A 145 -11.75 -7.94 1.83
C THR A 145 -12.51 -6.85 2.58
N ALA A 146 -13.27 -7.25 3.60
CA ALA A 146 -13.97 -6.31 4.46
C ALA A 146 -13.01 -5.32 5.14
N VAL A 147 -11.84 -5.80 5.57
CA VAL A 147 -10.83 -4.93 6.17
C VAL A 147 -10.31 -3.88 5.19
N GLN A 148 -10.08 -4.28 3.94
CA GLN A 148 -9.60 -3.34 2.93
C GLN A 148 -10.69 -2.33 2.57
N MET A 149 -11.96 -2.76 2.61
CA MET A 149 -13.07 -1.82 2.44
C MET A 149 -13.08 -0.80 3.58
N ALA A 150 -12.79 -1.27 4.79
CA ALA A 150 -12.74 -0.40 5.97
C ALA A 150 -11.59 0.60 5.86
N VAL A 151 -10.43 0.14 5.40
CA VAL A 151 -9.30 1.01 5.14
C VAL A 151 -9.70 2.13 4.18
N PHE A 152 -10.35 1.74 3.08
CA PHE A 152 -10.80 2.69 2.07
C PHE A 152 -11.72 3.73 2.70
N ILE A 153 -12.75 3.26 3.40
CA ILE A 153 -13.74 4.17 3.98
C ILE A 153 -13.09 5.09 5.00
N HIS A 154 -12.24 4.54 5.86
CA HIS A 154 -11.55 5.34 6.87
C HIS A 154 -10.73 6.47 6.24
N ASN A 155 -9.92 6.11 5.24
CA ASN A 155 -9.00 7.05 4.63
C ASN A 155 -9.69 8.10 3.79
N HIS A 156 -10.89 7.80 3.28
CA HIS A 156 -11.65 8.74 2.43
C HIS A 156 -12.62 9.61 3.22
N LYS A 157 -12.89 9.24 4.48
CA LYS A 157 -13.91 9.95 5.28
C LYS A 157 -13.51 11.40 5.55
N ARG A 158 -14.39 12.33 5.21
CA ARG A 158 -14.15 13.75 5.47
C ARG A 158 -14.58 14.11 6.88
N LYS A 159 -13.68 14.76 7.62
CA LYS A 159 -13.92 15.12 9.02
C LYS A 159 -13.96 16.63 9.19
N GLY A 164 -13.30 20.56 5.29
CA GLY A 164 -13.25 19.19 5.79
C GLY A 164 -12.41 18.26 4.91
N TYR A 165 -11.23 17.89 5.40
CA TYR A 165 -10.33 17.03 4.66
C TYR A 165 -10.37 15.59 5.15
N SER A 166 -9.95 14.67 4.29
CA SER A 166 -9.84 13.26 4.64
C SER A 166 -8.43 12.96 5.12
N ALA A 167 -8.27 11.82 5.79
CA ALA A 167 -6.94 11.39 6.24
C ALA A 167 -5.98 11.23 5.06
N GLY A 168 -6.49 10.70 3.95
CA GLY A 168 -5.70 10.55 2.72
C GLY A 168 -5.21 11.88 2.18
N GLU A 169 -6.05 12.90 2.26
CA GLU A 169 -5.64 14.23 1.84
C GLU A 169 -4.62 14.83 2.81
N ARG A 170 -4.83 14.60 4.10
CA ARG A 170 -3.93 15.13 5.12
C ARG A 170 -2.52 14.55 5.02
N ILE A 171 -2.42 13.23 4.84
CA ILE A 171 -1.08 12.63 4.76
C ILE A 171 -0.28 13.18 3.56
N VAL A 172 -0.93 13.30 2.41
CA VAL A 172 -0.27 13.81 1.21
C VAL A 172 0.19 15.26 1.40
N ASP A 173 -0.68 16.09 1.97
CA ASP A 173 -0.35 17.51 2.24
CA ASP A 173 -0.35 17.50 2.23
C ASP A 173 0.80 17.63 3.23
N ILE A 174 0.75 16.85 4.30
CA ILE A 174 1.80 16.87 5.32
C ILE A 174 3.15 16.49 4.71
N ILE A 175 3.16 15.41 3.93
CA ILE A 175 4.41 14.94 3.34
C ILE A 175 4.91 15.90 2.25
N ALA A 176 4.01 16.40 1.41
CA ALA A 176 4.39 17.34 0.34
C ALA A 176 5.02 18.60 0.93
N THR A 177 4.41 19.13 1.98
CA THR A 177 4.91 20.30 2.69
C THR A 177 6.33 20.04 3.22
N ASP A 178 6.54 18.85 3.76
CA ASP A 178 7.85 18.43 4.27
C ASP A 178 8.91 18.35 3.15
N ILE A 179 8.52 17.83 1.99
CA ILE A 179 9.43 17.77 0.84
C ILE A 179 9.80 19.17 0.37
N GLN A 180 8.81 20.08 0.38
CA GLN A 180 8.98 21.46 -0.05
C GLN A 180 9.27 22.35 1.16
N SER B 28 -4.96 13.41 -14.81
CA SER B 28 -3.61 12.75 -14.65
C SER B 28 -3.19 12.36 -13.23
N PRO B 29 -3.46 13.21 -12.22
CA PRO B 29 -3.09 12.79 -10.85
C PRO B 29 -3.73 11.48 -10.37
N GLY B 30 -4.90 11.13 -10.91
CA GLY B 30 -5.61 9.92 -10.51
C GLY B 30 -5.47 8.72 -11.44
N ILE B 31 -4.56 8.77 -12.42
CA ILE B 31 -4.46 7.72 -13.45
CA ILE B 31 -4.48 7.74 -13.45
C ILE B 31 -3.39 6.69 -13.14
N TRP B 32 -3.80 5.43 -13.08
CA TRP B 32 -2.92 4.31 -12.83
C TRP B 32 -3.01 3.29 -13.98
N GLN B 33 -1.92 2.54 -14.15
CA GLN B 33 -1.85 1.50 -15.18
CA GLN B 33 -1.88 1.49 -15.17
C GLN B 33 -1.45 0.17 -14.54
N LEU B 34 -2.23 -0.87 -14.81
CA LEU B 34 -1.89 -2.22 -14.34
C LEU B 34 -0.90 -2.85 -15.28
N ASP B 35 -0.09 -3.75 -14.72
CA ASP B 35 0.98 -4.41 -15.44
C ASP B 35 1.23 -5.75 -14.76
N CYS B 36 1.35 -6.80 -15.55
CA CYS B 36 1.53 -8.14 -15.04
C CYS B 36 2.79 -8.70 -15.66
N THR B 37 3.72 -9.17 -14.83
CA THR B 37 4.94 -9.79 -15.31
C THR B 37 5.21 -11.10 -14.56
N HIS B 38 6.06 -11.95 -15.10
CA HIS B 38 6.27 -13.28 -14.56
C HIS B 38 7.71 -13.51 -14.10
N LEU B 39 7.85 -14.24 -12.99
CA LEU B 39 9.16 -14.60 -12.48
C LEU B 39 9.02 -15.81 -11.55
N GLU B 40 9.94 -16.76 -11.68
CA GLU B 40 9.97 -17.96 -10.82
C GLU B 40 8.68 -18.77 -10.81
N GLY B 41 7.99 -18.81 -11.96
CA GLY B 41 6.73 -19.53 -12.08
C GLY B 41 5.58 -18.86 -11.35
N LYS B 42 5.76 -17.60 -10.97
CA LYS B 42 4.74 -16.83 -10.27
C LYS B 42 4.47 -15.55 -11.03
N VAL B 43 3.42 -14.85 -10.61
CA VAL B 43 2.98 -13.64 -11.26
C VAL B 43 3.24 -12.46 -10.34
N ILE B 44 3.80 -11.39 -10.91
CA ILE B 44 3.96 -10.13 -10.19
C ILE B 44 2.98 -9.14 -10.80
N LEU B 45 2.01 -8.71 -10.00
CA LEU B 45 1.04 -7.72 -10.43
C LEU B 45 1.49 -6.35 -9.95
N VAL B 46 1.58 -5.39 -10.88
CA VAL B 46 2.07 -4.06 -10.61
C VAL B 46 1.02 -3.03 -10.98
N ALA B 47 0.88 -2.00 -10.15
CA ALA B 47 0.14 -0.80 -10.51
C ALA B 47 1.13 0.36 -10.58
N VAL B 48 1.13 1.07 -11.71
CA VAL B 48 2.01 2.21 -11.90
C VAL B 48 1.20 3.50 -11.94
N HIS B 49 1.58 4.46 -11.11
CA HIS B 49 1.04 5.80 -11.18
C HIS B 49 1.73 6.51 -12.36
N VAL B 50 0.99 6.69 -13.44
CA VAL B 50 1.54 7.06 -14.75
CA VAL B 50 1.62 7.01 -14.73
C VAL B 50 2.39 8.33 -14.70
N ALA B 51 1.86 9.37 -14.05
CA ALA B 51 2.52 10.68 -14.02
C ALA B 51 3.84 10.70 -13.24
N SER B 52 3.98 9.83 -12.24
CA SER B 52 5.16 9.82 -11.36
C SER B 52 6.10 8.64 -11.53
N GLY B 53 5.59 7.51 -12.02
CA GLY B 53 6.34 6.27 -12.08
C GLY B 53 6.36 5.48 -10.76
N TYR B 54 5.62 5.97 -9.76
CA TYR B 54 5.51 5.27 -8.47
C TYR B 54 4.75 3.98 -8.68
N ILE B 55 5.15 2.92 -7.97
CA ILE B 55 4.49 1.64 -8.11
C ILE B 55 4.08 1.01 -6.77
N GLU B 56 3.06 0.15 -6.85
CA GLU B 56 2.79 -0.86 -5.84
C GLU B 56 2.78 -2.19 -6.57
N ALA B 57 3.12 -3.27 -5.85
CA ALA B 57 3.18 -4.59 -6.47
C ALA B 57 2.93 -5.68 -5.46
N GLU B 58 2.46 -6.82 -5.97
CA GLU B 58 2.26 -8.01 -5.15
CA GLU B 58 2.22 -8.02 -5.16
C GLU B 58 2.58 -9.25 -5.98
N VAL B 59 2.97 -10.31 -5.28
CA VAL B 59 3.15 -11.61 -5.90
C VAL B 59 1.87 -12.42 -5.69
N ILE B 60 1.38 -13.04 -6.76
CA ILE B 60 0.24 -13.96 -6.73
C ILE B 60 0.57 -15.23 -7.53
N PRO B 61 -0.12 -16.34 -7.22
CA PRO B 61 0.20 -17.61 -7.93
C PRO B 61 -0.15 -17.52 -9.41
N ALA B 62 -1.25 -16.84 -9.71
CA ALA B 62 -1.69 -16.64 -11.08
C ALA B 62 -2.58 -15.41 -11.15
N GLU B 63 -2.65 -14.78 -12.31
CA GLU B 63 -3.50 -13.61 -12.47
C GLU B 63 -4.94 -14.07 -12.67
N THR B 64 -5.80 -13.73 -11.73
CA THR B 64 -7.22 -13.97 -11.83
C THR B 64 -7.94 -12.65 -11.61
N GLY B 65 -9.19 -12.59 -12.05
CA GLY B 65 -10.04 -11.42 -11.77
C GLY B 65 -10.16 -11.18 -10.29
N GLN B 66 -10.30 -12.26 -9.51
CA GLN B 66 -10.41 -12.18 -8.06
C GLN B 66 -9.20 -11.48 -7.45
N GLU B 67 -8.00 -11.95 -7.81
CA GLU B 67 -6.75 -11.36 -7.30
C GLU B 67 -6.59 -9.93 -7.77
N THR B 68 -6.91 -9.67 -9.05
CA THR B 68 -6.78 -8.32 -9.59
C THR B 68 -7.74 -7.36 -8.88
N ALA B 69 -8.97 -7.83 -8.65
CA ALA B 69 -9.99 -7.05 -7.95
C ALA B 69 -9.53 -6.66 -6.55
N TYR B 70 -9.01 -7.64 -5.82
CA TYR B 70 -8.53 -7.41 -4.46
C TYR B 70 -7.37 -6.41 -4.43
N PHE B 71 -6.45 -6.55 -5.37
CA PHE B 71 -5.31 -5.65 -5.52
C PHE B 71 -5.75 -4.21 -5.74
N LEU B 72 -6.74 -4.02 -6.62
CA LEU B 72 -7.27 -2.68 -6.90
C LEU B 72 -7.98 -2.08 -5.69
N LEU B 73 -8.72 -2.91 -4.96
CA LEU B 73 -9.38 -2.46 -3.73
C LEU B 73 -8.35 -1.94 -2.73
N LYS B 74 -7.25 -2.67 -2.58
CA LYS B 74 -6.16 -2.24 -1.71
CA LYS B 74 -6.17 -2.24 -1.70
C LYS B 74 -5.56 -0.92 -2.17
N LEU B 75 -5.24 -0.84 -3.46
CA LEU B 75 -4.64 0.35 -4.04
C LEU B 75 -5.48 1.61 -3.81
N ALA B 76 -6.77 1.50 -4.09
CA ALA B 76 -7.67 2.63 -4.06
C ALA B 76 -7.98 3.09 -2.63
N GLY B 77 -7.77 2.22 -1.65
CA GLY B 77 -7.87 2.62 -0.25
C GLY B 77 -6.69 3.43 0.22
N ARG B 78 -5.58 3.35 -0.53
CA ARG B 78 -4.31 3.94 -0.13
C ARG B 78 -3.96 5.21 -0.92
N TRP B 79 -4.40 5.27 -2.17
CA TRP B 79 -4.18 6.43 -3.05
C TRP B 79 -5.49 6.80 -3.76
N PRO B 80 -5.65 8.07 -4.18
CA PRO B 80 -6.88 8.50 -4.85
C PRO B 80 -6.91 8.05 -6.32
N VAL B 81 -7.33 6.80 -6.51
CA VAL B 81 -7.34 6.17 -7.82
C VAL B 81 -8.63 6.53 -8.56
N LYS B 82 -8.50 7.37 -9.57
CA LYS B 82 -9.63 7.82 -10.38
C LYS B 82 -9.87 6.89 -11.57
N THR B 83 -8.78 6.49 -12.21
CA THR B 83 -8.84 5.71 -13.43
C THR B 83 -7.77 4.64 -13.42
N VAL B 84 -8.15 3.43 -13.80
CA VAL B 84 -7.20 2.34 -13.98
CA VAL B 84 -7.19 2.33 -13.98
C VAL B 84 -7.27 1.82 -15.42
N HIS B 85 -6.13 1.84 -16.10
CA HIS B 85 -5.99 1.19 -17.38
C HIS B 85 -5.60 -0.26 -17.09
N THR B 86 -6.50 -1.18 -17.41
CA THR B 86 -6.27 -2.60 -17.13
C THR B 86 -5.14 -3.13 -18.01
N ASP B 87 -4.51 -4.19 -17.55
CA ASP B 87 -3.32 -4.74 -18.20
C ASP B 87 -3.63 -5.64 -19.39
N ASN B 88 -4.85 -6.18 -19.43
CA ASN B 88 -5.26 -7.04 -20.54
C ASN B 88 -6.78 -7.11 -20.64
N GLY B 89 -7.27 -7.76 -21.67
CA GLY B 89 -8.71 -7.83 -21.93
C GLY B 89 -9.47 -8.69 -20.95
N SER B 90 -8.81 -9.69 -20.37
CA SER B 90 -9.45 -10.55 -19.39
C SER B 90 -9.82 -9.76 -18.13
N ASN B 91 -8.87 -8.95 -17.64
CA ASN B 91 -9.16 -8.08 -16.50
C ASN B 91 -10.10 -6.92 -16.83
N PHE B 92 -10.11 -6.48 -18.08
CA PHE B 92 -11.11 -5.50 -18.51
C PHE B 92 -12.51 -6.11 -18.50
N THR B 93 -12.62 -7.35 -18.97
CA THR B 93 -13.90 -8.04 -19.06
C THR B 93 -14.41 -8.53 -17.70
N SER B 94 -13.49 -8.96 -16.84
CA SER B 94 -13.85 -9.61 -15.57
C SER B 94 -14.92 -8.85 -14.79
N THR B 95 -16.02 -9.53 -14.49
CA THR B 95 -17.11 -8.92 -13.72
CA THR B 95 -17.09 -8.90 -13.72
C THR B 95 -16.64 -8.60 -12.29
N THR B 96 -15.77 -9.44 -11.75
CA THR B 96 -15.21 -9.21 -10.41
C THR B 96 -14.35 -7.95 -10.39
N VAL B 97 -13.50 -7.77 -11.39
CA VAL B 97 -12.72 -6.55 -11.51
C VAL B 97 -13.64 -5.33 -11.69
N LYS B 98 -14.64 -5.46 -12.56
CA LYS B 98 -15.62 -4.37 -12.75
C LYS B 98 -16.31 -4.03 -11.42
N ALA B 99 -16.67 -5.04 -10.65
CA ALA B 99 -17.35 -4.84 -9.37
C ALA B 99 -16.44 -4.15 -8.36
N ALA B 100 -15.16 -4.51 -8.32
CA ALA B 100 -14.19 -3.83 -7.45
C ALA B 100 -14.05 -2.38 -7.84
N CYS B 101 -13.98 -2.12 -9.15
CA CYS B 101 -13.86 -0.75 -9.64
C CYS B 101 -15.12 0.04 -9.30
N TRP B 102 -16.28 -0.59 -9.42
CA TRP B 102 -17.52 0.04 -8.98
C TRP B 102 -17.42 0.35 -7.48
N TRP B 103 -17.01 -0.64 -6.68
CA TRP B 103 -17.00 -0.46 -5.23
C TRP B 103 -16.11 0.72 -4.84
N ALA B 104 -14.91 0.75 -5.42
CA ALA B 104 -13.88 1.71 -5.03
C ALA B 104 -13.95 3.05 -5.78
N GLY B 105 -14.98 3.24 -6.61
CA GLY B 105 -15.13 4.48 -7.36
C GLY B 105 -14.07 4.70 -8.43
N ILE B 106 -13.63 3.61 -9.06
CA ILE B 106 -12.59 3.65 -10.08
C ILE B 106 -13.22 3.53 -11.47
N LYS B 107 -12.81 4.40 -12.38
CA LYS B 107 -13.13 4.26 -13.80
CA LYS B 107 -13.17 4.25 -13.79
C LYS B 107 -12.25 3.20 -14.41
N GLN B 108 -12.84 2.08 -14.80
CA GLN B 108 -12.10 1.00 -15.41
C GLN B 108 -12.00 1.25 -16.91
N GLU B 109 -10.77 1.32 -17.41
CA GLU B 109 -10.52 1.57 -18.83
C GLU B 109 -9.64 0.48 -19.42
N ASP B 110 -9.57 0.46 -20.75
CA ASP B 110 -8.67 -0.45 -21.44
C ASP B 110 -7.24 0.06 -21.32
N GLY B 111 -6.29 -0.69 -21.87
CA GLY B 111 -4.87 -0.34 -21.73
C GLY B 111 -4.23 -0.20 -23.09
N ILE B 112 -5.04 0.15 -24.08
CA ILE B 112 -4.58 0.24 -25.46
C ILE B 112 -3.56 1.38 -25.55
N PRO B 113 -2.33 1.06 -26.03
CA PRO B 113 -1.29 2.07 -26.08
C PRO B 113 -1.45 2.97 -27.31
N TYR B 114 -2.49 3.81 -27.28
CA TYR B 114 -2.70 4.82 -28.33
C TYR B 114 -1.46 5.67 -28.46
N ASN B 115 -0.75 5.86 -27.35
CA ASN B 115 0.59 6.38 -27.36
C ASN B 115 1.57 5.21 -27.31
N PRO B 116 2.32 4.97 -28.40
CA PRO B 116 3.20 3.80 -28.46
C PRO B 116 4.30 3.79 -27.39
N GLN B 117 4.66 4.96 -26.87
CA GLN B 117 5.68 5.07 -25.82
C GLN B 117 5.29 4.35 -24.53
N SER B 118 3.98 4.19 -24.29
CA SER B 118 3.47 3.48 -23.12
C SER B 118 4.04 2.07 -23.01
N GLN B 119 3.93 1.34 -24.11
CA GLN B 119 4.49 0.00 -24.28
C GLN B 119 5.92 -0.11 -23.76
N GLY B 120 6.80 0.73 -24.29
CA GLY B 120 8.22 0.70 -23.99
C GLY B 120 8.52 1.08 -22.55
N VAL B 121 7.75 2.03 -22.01
CA VAL B 121 7.93 2.45 -20.62
C VAL B 121 7.63 1.30 -19.66
N ILE B 122 6.50 0.60 -19.89
CA ILE B 122 6.12 -0.55 -19.06
CA ILE B 122 6.13 -0.55 -19.06
C ILE B 122 7.14 -1.67 -19.21
N GLU B 123 7.55 -1.93 -20.44
CA GLU B 123 8.54 -2.96 -20.71
C GLU B 123 9.86 -2.67 -20.01
N SER B 124 10.35 -1.45 -20.14
CA SER B 124 11.57 -1.03 -19.45
C SER B 124 11.40 -1.11 -17.93
N MET B 125 10.20 -0.83 -17.44
CA MET B 125 9.94 -0.92 -16.00
C MET B 125 10.02 -2.37 -15.52
N ASN B 126 9.45 -3.28 -16.28
CA ASN B 126 9.51 -4.70 -15.93
C ASN B 126 10.94 -5.21 -15.88
N LYS B 127 11.75 -4.79 -16.86
CA LYS B 127 13.16 -5.16 -16.89
CA LYS B 127 13.16 -5.16 -16.89
C LYS B 127 13.91 -4.59 -15.69
N GLU B 128 13.67 -3.31 -15.39
CA GLU B 128 14.26 -2.66 -14.21
C GLU B 128 13.87 -3.40 -12.92
N LEU B 129 12.58 -3.70 -12.77
CA LEU B 129 12.11 -4.39 -11.57
CA LEU B 129 12.10 -4.40 -11.58
C LEU B 129 12.77 -5.77 -11.43
N LYS B 130 12.83 -6.52 -12.53
CA LYS B 130 13.47 -7.84 -12.49
C LYS B 130 14.95 -7.74 -12.17
N LYS B 131 15.60 -6.70 -12.65
CA LYS B 131 17.01 -6.46 -12.33
C LYS B 131 17.18 -6.24 -10.83
N ILE B 132 16.34 -5.38 -10.25
CA ILE B 132 16.42 -5.09 -8.81
C ILE B 132 16.15 -6.37 -8.01
N ILE B 133 15.13 -7.12 -8.41
CA ILE B 133 14.80 -8.37 -7.73
C ILE B 133 16.02 -9.30 -7.72
N GLY B 134 16.72 -9.40 -8.85
CA GLY B 134 17.95 -10.18 -8.93
C GLY B 134 19.02 -9.68 -7.97
N GLN B 135 19.13 -8.37 -7.84
CA GLN B 135 20.11 -7.76 -6.94
C GLN B 135 19.81 -8.02 -5.46
N VAL B 136 18.54 -8.26 -5.11
CA VAL B 136 18.16 -8.51 -3.71
C VAL B 136 17.80 -9.97 -3.43
N ARG B 137 17.78 -10.81 -4.46
CA ARG B 137 17.13 -12.12 -4.35
C ARG B 137 17.67 -12.99 -3.22
N ASP B 138 18.97 -12.93 -2.97
CA ASP B 138 19.57 -13.73 -1.90
C ASP B 138 19.36 -13.15 -0.49
N GLN B 139 18.69 -11.99 -0.41
CA GLN B 139 18.38 -11.38 0.90
C GLN B 139 17.03 -11.83 1.45
N ALA B 140 16.39 -12.78 0.77
CA ALA B 140 15.13 -13.32 1.26
C ALA B 140 14.88 -14.70 0.67
N GLU B 141 14.19 -15.54 1.43
CA GLU B 141 13.77 -16.84 0.92
C GLU B 141 12.66 -16.67 -0.11
N HIS B 142 11.63 -15.88 0.23
CA HIS B 142 10.42 -15.80 -0.59
C HIS B 142 10.45 -14.67 -1.61
N LEU B 143 9.96 -14.97 -2.80
CA LEU B 143 9.91 -13.98 -3.87
C LEU B 143 9.14 -12.71 -3.46
N LYS B 144 8.04 -12.87 -2.73
CA LYS B 144 7.23 -11.71 -2.34
C LYS B 144 8.05 -10.67 -1.57
N THR B 145 8.96 -11.16 -0.72
CA THR B 145 9.85 -10.29 0.04
C THR B 145 10.81 -9.51 -0.86
N ALA B 146 11.45 -10.22 -1.79
CA ALA B 146 12.30 -9.60 -2.80
C ALA B 146 11.55 -8.58 -3.65
N VAL B 147 10.30 -8.88 -4.01
CA VAL B 147 9.47 -7.94 -4.78
C VAL B 147 9.19 -6.66 -3.98
N GLN B 148 8.89 -6.79 -2.69
CA GLN B 148 8.63 -5.61 -1.87
C GLN B 148 9.91 -4.80 -1.65
N MET B 149 11.06 -5.46 -1.61
CA MET B 149 12.35 -4.75 -1.59
C MET B 149 12.53 -3.96 -2.89
N ALA B 150 12.13 -4.56 -4.00
CA ALA B 150 12.24 -3.91 -5.31
C ALA B 150 11.32 -2.70 -5.40
N VAL B 151 10.10 -2.85 -4.88
CA VAL B 151 9.16 -1.73 -4.81
C VAL B 151 9.79 -0.56 -4.03
N PHE B 152 10.38 -0.87 -2.88
CA PHE B 152 11.03 0.11 -2.03
C PHE B 152 12.13 0.83 -2.82
N ILE B 153 13.03 0.06 -3.41
CA ILE B 153 14.18 0.63 -4.11
C ILE B 153 13.71 1.47 -5.30
N HIS B 154 12.75 0.97 -6.07
CA HIS B 154 12.22 1.71 -7.20
C HIS B 154 11.64 3.05 -6.79
N ASN B 155 10.79 3.05 -5.76
CA ASN B 155 10.08 4.24 -5.34
C ASN B 155 10.98 5.27 -4.67
N HIS B 156 12.10 4.82 -4.09
CA HIS B 156 13.05 5.72 -3.41
C HIS B 156 14.17 6.23 -4.33
N LYS B 157 14.35 5.61 -5.49
CA LYS B 157 15.46 5.95 -6.39
C LYS B 157 15.35 7.38 -6.91
N ARG B 158 16.42 8.16 -6.72
CA ARG B 158 16.45 9.53 -7.23
C ARG B 158 16.92 9.55 -8.68
N LYS B 159 16.16 10.22 -9.53
CA LYS B 159 16.43 10.27 -10.97
C LYS B 159 16.76 11.69 -11.42
N GLY B 164 17.00 16.28 -8.26
CA GLY B 164 16.66 14.88 -8.52
C GLY B 164 15.67 14.31 -7.51
N TYR B 165 14.43 14.11 -7.94
CA TYR B 165 13.37 13.59 -7.08
C TYR B 165 13.13 12.10 -7.31
N SER B 166 12.54 11.46 -6.31
CA SER B 166 12.14 10.06 -6.41
C SER B 166 10.69 9.96 -6.86
N ALA B 167 10.30 8.78 -7.32
CA ALA B 167 8.90 8.56 -7.72
C ALA B 167 7.96 8.80 -6.54
N GLY B 168 8.36 8.39 -5.34
CA GLY B 168 7.58 8.60 -4.13
C GLY B 168 7.37 10.08 -3.83
N GLU B 169 8.40 10.88 -4.08
CA GLU B 169 8.29 12.32 -3.90
C GLU B 169 7.38 12.93 -4.96
N ARG B 170 7.51 12.45 -6.19
CA ARG B 170 6.73 12.96 -7.31
C ARG B 170 5.24 12.69 -7.13
N ILE B 171 4.86 11.48 -6.72
CA ILE B 171 3.44 11.18 -6.57
C ILE B 171 2.79 12.07 -5.50
N VAL B 172 3.46 12.27 -4.37
CA VAL B 172 2.94 13.09 -3.28
C VAL B 172 2.78 14.55 -3.73
N ASP B 173 3.78 15.08 -4.42
CA ASP B 173 3.73 16.47 -4.93
CA ASP B 173 3.73 16.47 -4.91
C ASP B 173 2.61 16.64 -5.95
N ILE B 174 2.49 15.70 -6.87
CA ILE B 174 1.45 15.75 -7.89
C ILE B 174 0.06 15.76 -7.23
N ILE B 175 -0.16 14.84 -6.30
CA ILE B 175 -1.46 14.75 -5.65
C ILE B 175 -1.75 15.95 -4.74
N ALA B 176 -0.74 16.40 -3.99
CA ALA B 176 -0.91 17.56 -3.10
C ALA B 176 -1.29 18.81 -3.90
N THR B 177 -0.59 19.02 -5.02
CA THR B 177 -0.88 20.14 -5.92
C THR B 177 -2.32 20.08 -6.42
N ASP B 178 -2.78 18.86 -6.75
CA ASP B 178 -4.16 18.64 -7.20
C ASP B 178 -5.18 18.96 -6.11
N ILE B 179 -4.89 18.58 -4.87
CA ILE B 179 -5.77 18.89 -3.74
C ILE B 179 -5.85 20.40 -3.51
N GLN B 180 -4.72 21.10 -3.66
CA GLN B 180 -4.66 22.54 -3.42
C GLN B 180 -5.24 23.36 -4.57
S SO4 C . -8.62 -6.18 20.49
O1 SO4 C . -7.31 -6.85 20.67
O2 SO4 C . -9.35 -6.11 21.76
O3 SO4 C . -9.41 -6.99 19.52
O4 SO4 C . -8.41 -4.82 19.99
S SO4 D . -12.06 -15.75 5.83
O1 SO4 D . -10.89 -15.37 5.03
O2 SO4 D . -12.69 -14.56 6.46
O3 SO4 D . -11.62 -16.69 6.88
O4 SO4 D . -13.06 -16.41 4.97
S SO4 E . 0.30 -2.87 3.56
O1 SO4 E . -1.08 -2.50 3.96
O2 SO4 E . 0.51 -2.60 2.13
O3 SO4 E . 0.48 -4.31 3.79
O4 SO4 E . 1.29 -2.11 4.37
S SO4 F . 11.54 -13.40 15.57
O1 SO4 F . 10.52 -12.46 16.07
O2 SO4 F . 12.70 -12.65 15.03
O3 SO4 F . 10.95 -14.25 14.52
O4 SO4 F . 12.01 -14.27 16.67
C1 EDO G . 8.20 -15.36 14.81
O1 EDO G . 8.43 -14.59 13.63
C2 EDO G . 8.18 -14.49 16.07
O2 EDO G . 6.87 -14.44 16.63
CL CL H . -1.59 -13.20 17.73
C15 OM1 I . -20.58 -11.27 -0.70
C16 OM1 I . -19.87 -12.45 -0.84
C14 OM1 I . -20.48 -10.29 -1.66
C17 OM1 I . -19.06 -12.64 -1.94
C23 OM1 I . -13.80 -10.30 -4.47
C6 OM1 I . -16.66 -6.46 -3.50
C10 OM1 I . -17.04 -7.49 -5.60
C24 OM1 I . -12.43 -10.41 -4.50
C7 OM1 I . -15.31 -6.39 -3.76
C9 OM1 I . -15.69 -7.44 -5.87
C13 OM1 I . -19.66 -10.48 -2.75
C30 OM1 I . -13.88 -11.32 -2.28
C5 OM1 I . -17.52 -7.00 -4.41
C18 OM1 I . -18.95 -11.65 -2.90
C22 OM1 I . -14.53 -10.75 -3.37
C25 OM1 I . -11.80 -10.99 -3.42
C29 OM1 I . -12.51 -11.42 -2.35
C8 OM1 I . -14.83 -6.90 -4.95
C2 OM1 I . -19.58 -9.39 -3.75
C31 OM1 I . -14.60 -11.82 -1.08
C27 OM1 I . -10.40 -11.63 -1.93
C12 OM1 I . -12.61 -6.75 -4.21
C4 OM1 I . -18.98 -7.05 -4.09
C19 OM1 I . -18.05 -11.93 -4.07
C21 OM1 I . -16.02 -10.59 -3.43
N3 OM1 I . -19.28 -8.17 -3.23
N20 OM1 I . -16.62 -11.93 -3.72
O33 OM1 I . -14.01 -11.72 0.03
O1 OM1 I . -19.79 -9.63 -4.93
O32 OM1 I . -15.75 -12.29 -1.25
O26 OM1 I . -10.44 -11.18 -3.28
O28 OM1 I . -11.68 -11.95 -1.39
O11 OM1 I . -13.49 -6.90 -5.32
S SO4 J . 6.80 -11.15 -18.67
O1 SO4 J . 7.52 -11.54 -19.89
O2 SO4 J . 7.45 -11.80 -17.51
O3 SO4 J . 5.39 -11.60 -18.73
O4 SO4 J . 6.86 -9.68 -18.58
S SO4 K . 8.53 -18.58 -2.59
O1 SO4 K . 7.88 -19.58 -3.46
O2 SO4 K . 9.43 -19.26 -1.65
O3 SO4 K . 7.47 -17.86 -1.84
O4 SO4 K . 9.34 -17.65 -3.41
S SO4 L . -14.35 -13.23 -12.96
O1 SO4 L . -15.01 -14.20 -13.86
O2 SO4 L . -13.16 -12.64 -13.64
O3 SO4 L . -13.91 -13.92 -11.74
O4 SO4 L . -15.30 -12.15 -12.60
S SO4 M . 8.77 6.14 -0.84
O1 SO4 M . 7.62 6.06 -1.77
O2 SO4 M . 10.01 6.23 -1.62
O3 SO4 M . 8.78 4.91 -0.01
O4 SO4 M . 8.64 7.32 0.03
C ACT N . -0.87 -3.44 -3.06
O ACT N . -1.35 -4.43 -2.49
OXT ACT N . 0.38 -3.25 -3.13
CH3 ACT N . -1.81 -2.44 -3.68
C1 EDO O . -11.37 -15.13 -12.99
O1 EDO O . -10.09 -15.42 -13.61
C2 EDO O . -11.49 -15.72 -11.58
O2 EDO O . -11.43 -14.67 -10.62
C1 EDO P . -8.87 -11.92 -15.38
O1 EDO P . -7.48 -12.10 -15.04
C2 EDO P . -9.56 -13.25 -15.71
O2 EDO P . -10.96 -13.15 -15.40
CL CL Q . -1.45 -16.07 -14.89
C15 OM1 R . 17.90 -14.86 3.28
C16 OM1 R . 16.97 -15.82 3.61
C14 OM1 R . 18.01 -13.71 4.05
C17 OM1 R . 16.15 -15.64 4.70
C23 OM1 R . 11.50 -11.88 6.66
C6 OM1 R . 15.04 -8.90 5.13
C10 OM1 R . 15.24 -9.66 7.37
C24 OM1 R . 10.12 -11.70 6.70
C7 OM1 R . 13.74 -8.52 5.36
C9 OM1 R . 13.93 -9.29 7.60
C13 OM1 R . 17.18 -13.54 5.15
C30 OM1 R . 11.33 -13.26 4.70
C5 OM1 R . 15.79 -9.47 6.12
C18 OM1 R . 16.24 -14.50 5.47
C22 OM1 R . 12.10 -12.64 5.67
C25 OM1 R . 9.38 -12.33 5.72
C29 OM1 R . 9.97 -13.08 4.75
C8 OM1 R . 13.18 -8.71 6.61
C2 OM1 R . 17.33 -12.31 5.93
C31 OM1 R . 11.93 -14.08 3.61
C27 OM1 R . 7.85 -12.95 4.35
C12 OM1 R . 11.03 -8.25 5.82
C4 OM1 R . 17.20 -9.87 5.84
C19 OM1 R . 15.31 -14.37 6.64
C21 OM1 R . 13.59 -12.78 5.72
N3 OM1 R . 17.25 -11.16 5.20
N20 OM1 R . 13.90 -14.15 6.24
O33 OM1 R . 11.33 -14.07 2.48
O1 OM1 R . 17.51 -12.37 7.15
O32 OM1 R . 12.97 -14.74 3.87
O26 OM1 R . 8.02 -12.28 5.60
O28 OM1 R . 9.04 -13.61 3.89
O11 OM1 R . 11.88 -8.38 6.97
#